data_6R6O
#
_entry.id   6R6O
#
_cell.length_a   44.240
_cell.length_b   131.450
_cell.length_c   45.330
_cell.angle_alpha   90.00
_cell.angle_beta   90.00
_cell.angle_gamma   90.00
#
_symmetry.space_group_name_H-M   'P 21 21 2'
#
loop_
_entity.id
_entity.type
_entity.pdbx_description
1 polymer 'Small soluble cyt c'
2 polymer Kusta0088
3 non-polymer 'HEME C'
4 non-polymer 'POTASSIUM ION'
5 water water
#
loop_
_entity_poly.entity_id
_entity_poly.type
_entity_poly.pdbx_seq_one_letter_code
_entity_poly.pdbx_strand_id
1 'polypeptide(L)'
;AATQQEIGKNMWDPFQSMRAVTGLMELTSGQCTQLSKDAAAILAGVKESHDSISVDKNYKVLNDEVAYHAANIDAAAKAN
DLEEVQVQFRRMTIACRNCHKIYKTEQRLVP
;
A
2 'polypeptide(L)'
;LNEHTAGDTTKSPYTIYAGLGFAVQESCYYCHGNGGKGTTEGLIFGVPDFTSTEFQSSMTDKQIIDHINKGKGKCPSYQG
KMSPEMIEKMAGVVRNFAVK
;
B
#
loop_
_chem_comp.id
_chem_comp.type
_chem_comp.name
_chem_comp.formula
HEC non-polymer 'HEME C' 'C34 H34 Fe N4 O4'
K non-polymer 'POTASSIUM ION' 'K 1'
#
# COMPACT_ATOMS: atom_id res chain seq x y z
N ALA A 1 3.01 4.00 22.77
CA ALA A 1 2.82 5.14 21.89
C ALA A 1 4.02 5.33 20.96
N ALA A 2 4.28 4.33 20.12
CA ALA A 2 5.37 4.41 19.16
C ALA A 2 4.95 5.18 17.92
N THR A 3 5.89 5.93 17.36
CA THR A 3 5.60 6.64 16.12
C THR A 3 5.74 5.69 14.93
N GLN A 4 5.15 6.07 13.81
CA GLN A 4 5.31 5.24 12.63
C GLN A 4 6.79 5.09 12.27
N GLN A 5 7.58 6.15 12.45
CA GLN A 5 9.01 6.07 12.15
C GLN A 5 9.71 5.05 13.04
N GLU A 6 9.34 4.99 14.31
CA GLU A 6 9.94 3.99 15.20
C GLU A 6 9.55 2.58 14.77
N ILE A 7 8.31 2.39 14.32
CA ILE A 7 7.88 1.08 13.86
C ILE A 7 8.67 0.67 12.63
N GLY A 8 8.89 1.59 11.69
CA GLY A 8 9.67 1.26 10.50
C GLY A 8 11.10 0.90 10.84
N LYS A 9 11.73 1.69 11.72
CA LYS A 9 13.08 1.37 12.17
C LYS A 9 13.14 -0.05 12.74
N ASN A 10 12.18 -0.39 13.62
CA ASN A 10 12.17 -1.69 14.25
C ASN A 10 11.86 -2.82 13.27
N MET A 11 11.27 -2.51 12.12
CA MET A 11 10.96 -3.53 11.12
C MET A 11 12.09 -3.74 10.12
N TRP A 12 13.07 -2.84 10.08
CA TRP A 12 14.10 -2.89 9.05
C TRP A 12 14.99 -4.12 9.21
N ASP A 13 15.45 -4.40 10.44
CA ASP A 13 16.33 -5.56 10.62
C ASP A 13 15.58 -6.86 10.34
N PRO A 14 14.35 -7.05 10.82
CA PRO A 14 13.60 -8.24 10.39
C PRO A 14 13.41 -8.32 8.87
N PHE A 15 13.14 -7.20 8.21
CA PHE A 15 12.94 -7.23 6.76
C PHE A 15 14.25 -7.56 6.04
N GLN A 16 15.36 -6.96 6.47
CA GLN A 16 16.62 -7.23 5.81
C GLN A 16 17.13 -8.63 6.12
N SER A 17 16.84 -9.16 7.30
CA SER A 17 17.13 -10.55 7.60
C SER A 17 16.32 -11.48 6.72
N MET A 18 15.07 -11.12 6.43
CA MET A 18 14.27 -11.90 5.50
C MET A 18 14.81 -11.81 4.09
N ARG A 19 15.15 -10.61 3.64
CA ARG A 19 15.67 -10.44 2.29
C ARG A 19 16.91 -11.29 2.07
N ALA A 20 17.78 -11.38 3.07
CA ALA A 20 19.04 -12.09 2.91
C ALA A 20 18.85 -13.59 2.69
N VAL A 21 17.69 -14.12 3.01
CA VAL A 21 17.46 -15.56 2.96
C VAL A 21 16.57 -15.98 1.78
N THR A 22 15.76 -15.08 1.23
CA THR A 22 14.89 -15.43 0.12
C THR A 22 15.65 -15.78 -1.15
N GLY A 23 16.92 -15.43 -1.26
CA GLY A 23 17.65 -15.72 -2.48
C GLY A 23 18.50 -16.98 -2.43
N LEU A 24 18.18 -17.89 -1.51
CA LEU A 24 18.94 -19.12 -1.31
C LEU A 24 18.12 -20.32 -1.78
N MET A 25 18.80 -21.43 -2.02
CA MET A 25 18.15 -22.74 -2.08
C MET A 25 17.96 -23.36 -0.70
N GLU A 26 18.55 -22.76 0.34
CA GLU A 26 18.76 -23.37 1.64
C GLU A 26 17.45 -23.64 2.39
N LEU A 27 17.49 -24.60 3.30
CA LEU A 27 16.45 -24.84 4.30
C LEU A 27 17.09 -25.21 5.65
N THR A 28 18.08 -24.42 6.09
CA THR A 28 18.59 -24.60 7.45
C THR A 28 17.43 -24.46 8.43
N SER A 29 17.31 -25.44 9.34
CA SER A 29 16.24 -25.39 10.34
C SER A 29 16.28 -24.08 11.12
N GLY A 30 17.48 -23.66 11.53
CA GLY A 30 17.63 -22.37 12.18
C GLY A 30 17.24 -21.20 11.29
N GLN A 31 17.43 -21.33 9.98
CA GLN A 31 17.07 -20.26 9.05
C GLN A 31 15.57 -20.24 8.78
N CYS A 32 14.94 -21.41 8.67
CA CYS A 32 13.48 -21.45 8.71
C CYS A 32 12.95 -20.84 10.00
N THR A 33 13.58 -21.18 11.13
CA THR A 33 13.22 -20.59 12.43
C THR A 33 13.28 -19.06 12.37
N GLN A 34 14.47 -18.51 12.06
CA GLN A 34 14.64 -17.07 12.01
C GLN A 34 13.63 -16.42 11.07
N LEU A 35 13.29 -17.11 9.98
CA LEU A 35 12.32 -16.57 9.03
C LEU A 35 10.95 -16.39 9.66
N SER A 36 10.50 -17.37 10.44
CA SER A 36 9.23 -17.22 11.14
C SER A 36 9.29 -16.11 12.17
N LYS A 37 10.42 -15.97 12.87
CA LYS A 37 10.55 -14.88 13.83
C LYS A 37 10.52 -13.53 13.13
N ASP A 38 11.20 -13.41 11.98
CA ASP A 38 11.18 -12.17 11.22
C ASP A 38 9.76 -11.83 10.75
N ALA A 39 9.03 -12.83 10.26
CA ALA A 39 7.66 -12.59 9.81
C ALA A 39 6.78 -12.13 10.98
N ALA A 40 6.95 -12.75 12.14
CA ALA A 40 6.14 -12.32 13.28
C ALA A 40 6.49 -10.90 13.70
N ALA A 41 7.76 -10.52 13.58
CA ALA A 41 8.14 -9.15 13.95
C ALA A 41 7.43 -8.15 13.05
N ILE A 42 7.35 -8.46 11.76
CA ILE A 42 6.66 -7.58 10.81
C ILE A 42 5.18 -7.53 11.11
N LEU A 43 4.56 -8.70 11.28
CA LEU A 43 3.15 -8.74 11.68
C LEU A 43 2.90 -7.87 12.90
N ALA A 44 3.78 -7.96 13.90
CA ALA A 44 3.62 -7.17 15.11
C ALA A 44 3.77 -5.68 14.82
N GLY A 45 4.67 -5.32 13.91
CA GLY A 45 4.85 -3.91 13.59
C GLY A 45 3.62 -3.33 12.92
N VAL A 46 3.13 -4.00 11.88
CA VAL A 46 2.02 -3.41 11.14
C VAL A 46 0.74 -3.48 11.96
N LYS A 47 0.64 -4.43 12.90
CA LYS A 47 -0.51 -4.41 13.78
C LYS A 47 -0.45 -3.22 14.73
N GLU A 48 0.73 -2.91 15.25
CA GLU A 48 0.86 -1.76 16.13
C GLU A 48 0.58 -0.46 15.39
N SER A 49 1.07 -0.32 14.16
CA SER A 49 0.74 0.84 13.34
C SER A 49 -0.75 0.89 13.02
N HIS A 50 -1.28 -0.24 12.54
CA HIS A 50 -2.70 -0.35 12.20
C HIS A 50 -3.59 0.03 13.38
N ASP A 51 -3.23 -0.40 14.59
CA ASP A 51 -4.09 -0.15 15.74
C ASP A 51 -3.86 1.24 16.33
N SER A 52 -2.64 1.53 16.77
CA SER A 52 -2.39 2.69 17.62
C SER A 52 -2.11 3.97 16.84
N ILE A 53 -2.10 3.94 15.52
CA ILE A 53 -1.81 5.12 14.71
C ILE A 53 -3.03 5.35 13.81
N SER A 54 -3.96 6.17 14.29
CA SER A 54 -5.21 6.43 13.58
C SER A 54 -4.95 7.47 12.49
N VAL A 55 -4.90 7.03 11.24
CA VAL A 55 -4.72 7.97 10.15
C VAL A 55 -6.01 8.03 9.35
N ASP A 56 -6.35 6.94 8.66
CA ASP A 56 -7.56 6.86 7.87
C ASP A 56 -7.73 5.41 7.45
N LYS A 57 -8.86 5.10 6.81
CA LYS A 57 -9.13 3.71 6.48
C LYS A 57 -8.12 3.15 5.48
N ASN A 58 -7.66 3.96 4.51
CA ASN A 58 -6.66 3.45 3.57
C ASN A 58 -5.40 2.99 4.30
N TYR A 59 -4.93 3.80 5.25
CA TYR A 59 -3.76 3.44 6.05
C TYR A 59 -3.94 2.07 6.69
N LYS A 60 -5.15 1.81 7.20
CA LYS A 60 -5.37 0.49 7.81
C LYS A 60 -5.30 -0.63 6.78
N VAL A 61 -5.92 -0.44 5.62
CA VAL A 61 -5.89 -1.52 4.63
C VAL A 61 -4.48 -1.75 4.10
N LEU A 62 -3.69 -0.68 3.95
CA LEU A 62 -2.30 -0.86 3.52
C LEU A 62 -1.54 -1.72 4.51
N ASN A 63 -1.67 -1.42 5.81
CA ASN A 63 -1.08 -2.27 6.83
C ASN A 63 -1.55 -3.70 6.71
N ASP A 64 -2.87 -3.89 6.50
CA ASP A 64 -3.38 -5.25 6.38
C ASP A 64 -2.78 -5.99 5.20
N GLU A 65 -2.46 -5.27 4.12
CA GLU A 65 -1.95 -6.00 2.97
C GLU A 65 -0.49 -6.40 3.16
N VAL A 66 0.29 -5.59 3.89
CA VAL A 66 1.58 -6.09 4.36
C VAL A 66 1.38 -7.34 5.21
N ALA A 67 0.44 -7.29 6.16
CA ALA A 67 0.23 -8.42 7.06
C ALA A 67 -0.20 -9.66 6.30
N TYR A 68 -1.06 -9.48 5.28
CA TYR A 68 -1.46 -10.59 4.43
C TYR A 68 -0.25 -11.35 3.90
N HIS A 69 0.74 -10.62 3.40
CA HIS A 69 1.90 -11.29 2.80
C HIS A 69 2.86 -11.80 3.86
N ALA A 70 3.01 -11.07 4.98
CA ALA A 70 3.83 -11.57 6.08
C ALA A 70 3.29 -12.89 6.64
N ALA A 71 1.97 -12.99 6.82
CA ALA A 71 1.39 -14.24 7.28
C ALA A 71 1.61 -15.34 6.25
N ASN A 72 1.54 -14.99 4.96
CA ASN A 72 1.77 -16.00 3.92
C ASN A 72 3.21 -16.49 3.92
N ILE A 73 4.16 -15.60 4.21
CA ILE A 73 5.55 -16.02 4.35
C ILE A 73 5.70 -16.96 5.54
N ASP A 74 5.11 -16.60 6.68
CA ASP A 74 5.08 -17.47 7.86
C ASP A 74 4.57 -18.87 7.50
N ALA A 75 3.44 -18.94 6.79
CA ALA A 75 2.88 -20.25 6.45
C ALA A 75 3.77 -20.98 5.46
N ALA A 76 4.32 -20.28 4.46
CA ALA A 76 5.16 -20.97 3.49
C ALA A 76 6.46 -21.46 4.12
N ALA A 77 7.01 -20.70 5.07
CA ALA A 77 8.19 -21.16 5.79
C ALA A 77 7.88 -22.41 6.60
N LYS A 78 6.75 -22.40 7.33
CA LYS A 78 6.35 -23.58 8.09
C LYS A 78 6.17 -24.81 7.20
N ALA A 79 5.70 -24.61 5.97
CA ALA A 79 5.51 -25.69 5.01
C ALA A 79 6.79 -26.00 4.22
N ASN A 80 7.92 -25.41 4.61
CA ASN A 80 9.19 -25.65 3.95
C ASN A 80 9.09 -25.42 2.44
N ASP A 81 8.39 -24.35 2.05
CA ASP A 81 8.10 -24.05 0.64
C ASP A 81 8.80 -22.73 0.29
N LEU A 82 10.08 -22.84 -0.07
CA LEU A 82 10.90 -21.64 -0.26
C LEU A 82 10.48 -20.85 -1.50
N GLU A 83 10.03 -21.55 -2.53
CA GLU A 83 9.50 -20.88 -3.71
C GLU A 83 8.39 -19.89 -3.34
N GLU A 84 7.48 -20.31 -2.47
CA GLU A 84 6.36 -19.44 -2.08
C GLU A 84 6.82 -18.33 -1.16
N VAL A 85 7.72 -18.64 -0.22
CA VAL A 85 8.30 -17.59 0.63
C VAL A 85 8.86 -16.46 -0.24
N GLN A 86 9.57 -16.85 -1.28
CA GLN A 86 10.20 -15.89 -2.19
C GLN A 86 9.17 -15.01 -2.87
N VAL A 87 8.12 -15.62 -3.43
CA VAL A 87 7.11 -14.85 -4.15
C VAL A 87 6.39 -13.92 -3.19
N GLN A 88 6.02 -14.44 -2.02
CA GLN A 88 5.29 -13.62 -1.04
C GLN A 88 6.16 -12.49 -0.50
N PHE A 89 7.46 -12.68 -0.42
CA PHE A 89 8.33 -11.61 0.06
C PHE A 89 8.41 -10.47 -0.96
N ARG A 90 8.58 -10.80 -2.24
CA ARG A 90 8.45 -9.79 -3.28
C ARG A 90 7.16 -8.99 -3.11
N ARG A 91 6.04 -9.69 -2.95
CA ARG A 91 4.75 -9.01 -2.88
C ARG A 91 4.59 -8.21 -1.60
N MET A 92 5.16 -8.68 -0.50
CA MET A 92 5.17 -7.87 0.72
C MET A 92 6.01 -6.62 0.52
N THR A 93 7.12 -6.73 -0.20
CA THR A 93 7.95 -5.56 -0.45
C THR A 93 7.15 -4.50 -1.21
N ILE A 94 6.37 -4.91 -2.20
CA ILE A 94 5.48 -3.98 -2.88
C ILE A 94 4.51 -3.36 -1.88
N ALA A 95 3.94 -4.16 -0.99
CA ALA A 95 2.97 -3.64 -0.02
C ALA A 95 3.61 -2.58 0.89
N CYS A 96 4.82 -2.84 1.39
CA CYS A 96 5.55 -1.80 2.14
C CYS A 96 5.68 -0.54 1.30
N ARG A 97 6.13 -0.70 0.05
CA ARG A 97 6.36 0.46 -0.81
C ARG A 97 5.07 1.22 -1.14
N ASN A 98 3.95 0.52 -1.23
CA ASN A 98 2.69 1.21 -1.54
C ASN A 98 2.39 2.28 -0.50
N CYS A 99 2.56 1.95 0.78
CA CYS A 99 2.25 2.95 1.80
C CYS A 99 3.26 4.09 1.77
N HIS A 100 4.55 3.76 1.67
CA HIS A 100 5.59 4.79 1.60
C HIS A 100 5.34 5.77 0.46
N LYS A 101 4.99 5.25 -0.73
CA LYS A 101 4.80 6.14 -1.87
C LYS A 101 3.53 6.96 -1.74
N ILE A 102 2.52 6.44 -1.03
CA ILE A 102 1.26 7.16 -0.96
C ILE A 102 1.27 8.19 0.17
N TYR A 103 1.91 7.87 1.30
CA TYR A 103 1.87 8.74 2.48
C TYR A 103 3.15 9.52 2.72
N LYS A 104 4.29 9.07 2.19
CA LYS A 104 5.57 9.80 2.31
C LYS A 104 6.19 9.99 0.94
N THR A 105 5.38 10.53 0.04
CA THR A 105 5.64 10.49 -1.40
C THR A 105 6.97 11.13 -1.77
N GLU A 106 7.38 12.19 -1.08
CA GLU A 106 8.54 12.97 -1.50
C GLU A 106 9.73 12.76 -0.58
N GLN A 107 9.70 11.69 0.22
CA GLN A 107 10.86 11.25 0.97
C GLN A 107 11.33 9.93 0.39
N ARG A 108 12.65 9.79 0.21
CA ARG A 108 13.18 8.53 -0.28
C ARG A 108 13.22 7.53 0.87
N LEU A 109 12.49 6.44 0.73
CA LEU A 109 12.37 5.46 1.79
C LEU A 109 12.78 4.09 1.25
N VAL A 110 13.23 3.24 2.16
CA VAL A 110 13.49 1.84 1.86
C VAL A 110 12.23 1.07 2.25
N PRO A 111 11.94 -0.09 1.66
CA PRO A 111 12.72 -0.80 0.64
C PRO A 111 12.31 -0.42 -0.78
N LEU B 1 -20.63 1.78 -2.83
CA LEU B 1 -19.47 1.25 -3.53
C LEU B 1 -19.10 -0.13 -3.02
N ASN B 2 -18.60 -0.99 -3.90
CA ASN B 2 -18.12 -2.30 -3.49
C ASN B 2 -16.79 -2.17 -2.77
N GLU B 3 -16.80 -2.55 -1.50
CA GLU B 3 -15.64 -2.45 -0.60
C GLU B 3 -14.49 -3.30 -1.12
N HIS B 4 -13.28 -2.75 -1.13
CA HIS B 4 -12.08 -3.56 -1.36
C HIS B 4 -11.66 -4.18 -0.04
N THR B 5 -11.52 -5.50 -0.04
CA THR B 5 -11.02 -6.23 1.13
C THR B 5 -9.51 -6.44 0.98
N ALA B 6 -8.76 -6.21 2.06
CA ALA B 6 -7.31 -6.37 2.01
C ALA B 6 -6.93 -7.73 1.45
N GLY B 7 -5.93 -7.74 0.58
CA GLY B 7 -5.50 -9.00 0.00
C GLY B 7 -4.19 -8.89 -0.74
N ASP B 8 -4.02 -9.75 -1.74
CA ASP B 8 -2.73 -9.86 -2.42
C ASP B 8 -2.44 -8.58 -3.17
N THR B 9 -1.23 -8.05 -2.97
CA THR B 9 -0.91 -6.72 -3.47
C THR B 9 -0.91 -6.66 -5.01
N THR B 10 -0.79 -7.80 -5.70
CA THR B 10 -0.92 -7.78 -7.15
C THR B 10 -2.35 -7.52 -7.62
N LYS B 11 -3.34 -7.63 -6.72
CA LYS B 11 -4.74 -7.34 -7.04
C LYS B 11 -5.23 -6.06 -6.39
N SER B 12 -4.33 -5.28 -5.77
CA SER B 12 -4.77 -4.19 -4.89
C SER B 12 -4.87 -2.87 -5.64
N PRO B 13 -5.86 -2.03 -5.32
CA PRO B 13 -5.89 -0.68 -5.89
C PRO B 13 -4.73 0.18 -5.44
N TYR B 14 -4.14 -0.10 -4.28
CA TYR B 14 -3.01 0.71 -3.83
C TYR B 14 -1.80 0.52 -4.74
N THR B 15 -1.63 -0.68 -5.27
CA THR B 15 -0.53 -0.90 -6.18
C THR B 15 -0.70 -0.08 -7.44
N ILE B 16 -1.94 0.08 -7.90
CA ILE B 16 -2.23 0.91 -9.08
C ILE B 16 -2.05 2.39 -8.75
N TYR B 17 -2.60 2.82 -7.61
CA TYR B 17 -2.46 4.21 -7.16
C TYR B 17 -0.99 4.57 -7.02
N ALA B 18 -0.17 3.63 -6.57
CA ALA B 18 1.26 3.84 -6.42
C ALA B 18 2.03 3.63 -7.70
N GLY B 19 1.34 3.39 -8.82
CA GLY B 19 1.92 3.57 -10.13
C GLY B 19 2.23 2.33 -10.92
N LEU B 20 1.77 1.16 -10.49
CA LEU B 20 2.04 -0.07 -11.25
C LEU B 20 1.51 0.05 -12.66
N GLY B 21 2.40 -0.13 -13.64
CA GLY B 21 1.99 -0.08 -15.02
C GLY B 21 1.76 1.30 -15.59
N PHE B 22 2.18 2.35 -14.90
CA PHE B 22 1.97 3.72 -15.35
C PHE B 22 3.28 4.48 -15.29
N ALA B 23 3.44 5.45 -16.20
CA ALA B 23 4.49 6.44 -16.00
C ALA B 23 4.25 7.16 -14.68
N VAL B 24 5.32 7.64 -14.07
CA VAL B 24 5.21 8.37 -12.81
C VAL B 24 4.21 9.52 -12.94
N GLN B 25 4.33 10.30 -14.00
CA GLN B 25 3.43 11.45 -14.16
C GLN B 25 2.00 11.05 -14.46
N GLU B 26 1.71 9.77 -14.68
CA GLU B 26 0.34 9.32 -14.84
C GLU B 26 -0.12 8.43 -13.69
N SER B 27 0.57 8.50 -12.55
CA SER B 27 0.26 7.69 -11.37
C SER B 27 -0.40 8.57 -10.33
N CYS B 28 -1.51 8.10 -9.74
CA CYS B 28 -2.25 8.93 -8.78
C CYS B 28 -1.33 9.53 -7.72
N TYR B 29 -0.42 8.71 -7.17
CA TYR B 29 0.37 9.14 -6.01
C TYR B 29 1.27 10.32 -6.35
N TYR B 30 1.66 10.47 -7.61
CA TYR B 30 2.54 11.56 -7.99
C TYR B 30 1.87 12.91 -7.77
N CYS B 31 0.56 12.97 -7.92
CA CYS B 31 -0.22 14.19 -7.70
C CYS B 31 -1.05 14.15 -6.44
N HIS B 32 -1.60 12.98 -6.09
CA HIS B 32 -2.47 12.84 -4.93
C HIS B 32 -1.80 12.10 -3.79
N GLY B 33 -0.47 12.12 -3.74
CA GLY B 33 0.24 11.54 -2.62
C GLY B 33 0.16 12.39 -1.37
N ASN B 34 1.16 12.25 -0.51
CA ASN B 34 1.11 12.80 0.85
C ASN B 34 -0.26 12.54 1.50
N GLY B 35 -0.69 11.29 1.40
CA GLY B 35 -1.89 10.86 2.10
C GLY B 35 -3.18 11.41 1.54
N GLY B 36 -3.24 11.69 0.24
CA GLY B 36 -4.40 12.27 -0.39
C GLY B 36 -4.45 13.78 -0.30
N LYS B 37 -3.53 14.41 0.42
CA LYS B 37 -3.56 15.85 0.60
C LYS B 37 -3.02 16.58 -0.60
N GLY B 38 -2.16 15.93 -1.37
CA GLY B 38 -1.54 16.51 -2.54
C GLY B 38 -0.04 16.67 -2.31
N THR B 39 0.73 16.36 -3.34
CA THR B 39 2.17 16.56 -3.36
C THR B 39 2.50 17.99 -3.79
N THR B 40 3.77 18.35 -3.68
CA THR B 40 4.23 19.62 -4.25
C THR B 40 3.79 19.76 -5.70
N GLU B 41 4.04 18.73 -6.52
CA GLU B 41 3.64 18.80 -7.92
C GLU B 41 2.12 18.82 -8.06
N GLY B 42 1.42 17.98 -7.28
CA GLY B 42 -0.03 17.96 -7.35
C GLY B 42 -0.67 19.30 -7.01
N LEU B 43 -0.13 19.97 -5.99
CA LEU B 43 -0.71 21.26 -5.60
C LEU B 43 -0.44 22.33 -6.66
N ILE B 44 0.72 22.27 -7.31
CA ILE B 44 0.96 23.16 -8.45
C ILE B 44 -0.12 22.97 -9.51
N PHE B 45 -0.50 21.72 -9.78
CA PHE B 45 -1.50 21.42 -10.81
C PHE B 45 -2.93 21.69 -10.35
N GLY B 46 -3.14 21.93 -9.06
CA GLY B 46 -4.46 22.24 -8.56
C GLY B 46 -5.27 21.10 -7.95
N VAL B 47 -4.62 20.08 -7.39
CA VAL B 47 -5.37 18.94 -6.84
C VAL B 47 -6.21 19.39 -5.65
N PRO B 48 -7.38 18.79 -5.44
CA PRO B 48 -8.10 18.99 -4.18
C PRO B 48 -7.49 18.14 -3.08
N ASP B 49 -8.01 18.34 -1.85
CA ASP B 49 -7.53 17.64 -0.66
C ASP B 49 -8.48 16.49 -0.35
N PHE B 50 -8.08 15.26 -0.65
CA PHE B 50 -8.94 14.10 -0.42
C PHE B 50 -9.25 13.87 1.06
N THR B 51 -8.45 14.42 1.96
CA THR B 51 -8.76 14.23 3.39
C THR B 51 -9.83 15.21 3.87
N SER B 52 -10.28 16.12 3.04
CA SER B 52 -11.14 17.23 3.45
C SER B 52 -12.62 16.85 3.34
N THR B 53 -13.36 17.11 4.42
CA THR B 53 -14.80 16.86 4.40
C THR B 53 -15.48 17.67 3.31
N GLU B 54 -14.99 18.88 3.05
CA GLU B 54 -15.63 19.72 2.05
C GLU B 54 -15.37 19.21 0.64
N PHE B 55 -14.15 18.74 0.35
CA PHE B 55 -13.96 18.09 -0.95
C PHE B 55 -14.91 16.91 -1.10
N GLN B 56 -14.93 16.02 -0.10
CA GLN B 56 -15.69 14.78 -0.24
C GLN B 56 -17.17 15.08 -0.44
N SER B 57 -17.69 16.14 0.19
CA SER B 57 -19.11 16.44 0.04
C SER B 57 -19.43 17.09 -1.31
N SER B 58 -18.41 17.42 -2.12
CA SER B 58 -18.61 18.02 -3.42
C SER B 58 -18.84 17.00 -4.53
N MET B 59 -18.70 15.70 -4.25
CA MET B 59 -18.84 14.64 -5.24
C MET B 59 -19.68 13.50 -4.68
N THR B 60 -20.50 12.90 -5.55
CA THR B 60 -21.17 11.64 -5.26
C THR B 60 -20.22 10.49 -5.62
N ASP B 61 -20.54 9.28 -5.15
CA ASP B 61 -19.75 8.10 -5.56
C ASP B 61 -19.77 7.92 -7.06
N LYS B 62 -20.94 8.11 -7.69
CA LYS B 62 -21.03 7.98 -9.14
C LYS B 62 -20.13 9.01 -9.83
N GLN B 63 -20.12 10.24 -9.33
CA GLN B 63 -19.31 11.28 -9.92
C GLN B 63 -17.82 10.97 -9.82
N ILE B 64 -17.38 10.33 -8.74
CA ILE B 64 -15.99 9.92 -8.64
C ILE B 64 -15.66 8.84 -9.67
N ILE B 65 -16.55 7.85 -9.82
CA ILE B 65 -16.34 6.81 -10.84
C ILE B 65 -16.29 7.44 -12.23
N ASP B 66 -17.25 8.29 -12.55
CA ASP B 66 -17.25 8.92 -13.87
C ASP B 66 -16.02 9.79 -14.06
N HIS B 67 -15.54 10.45 -13.00
CA HIS B 67 -14.36 11.30 -13.14
C HIS B 67 -13.13 10.47 -13.47
N ILE B 68 -12.86 9.41 -12.71
CA ILE B 68 -11.68 8.59 -12.96
C ILE B 68 -11.71 8.06 -14.39
N ASN B 69 -12.90 7.71 -14.89
CA ASN B 69 -13.02 7.29 -16.29
C ASN B 69 -12.64 8.41 -17.26
N LYS B 70 -13.20 9.61 -17.05
CA LYS B 70 -13.14 10.69 -18.01
C LYS B 70 -11.88 11.53 -17.89
N GLY B 71 -11.36 11.70 -16.67
CA GLY B 71 -10.29 12.66 -16.42
C GLY B 71 -10.83 14.08 -16.41
N LYS B 72 -10.02 15.05 -16.03
CA LYS B 72 -10.39 16.45 -16.13
C LYS B 72 -9.12 17.27 -16.01
N GLY B 73 -8.83 18.07 -17.02
CA GLY B 73 -7.65 18.90 -16.98
C GLY B 73 -6.41 18.04 -16.93
N LYS B 74 -5.58 18.30 -15.93
CA LYS B 74 -4.35 17.53 -15.74
C LYS B 74 -4.60 16.18 -15.07
N CYS B 75 -5.80 15.94 -14.55
CA CYS B 75 -6.13 14.60 -14.05
C CYS B 75 -6.41 13.71 -15.26
N PRO B 76 -5.60 12.68 -15.49
CA PRO B 76 -5.74 11.88 -16.71
C PRO B 76 -7.04 11.08 -16.73
N SER B 77 -7.45 10.73 -17.93
CA SER B 77 -8.50 9.74 -18.14
C SER B 77 -7.94 8.34 -17.92
N TYR B 78 -8.66 7.49 -17.16
CA TYR B 78 -8.22 6.12 -16.92
C TYR B 78 -9.15 5.06 -17.47
N GLN B 79 -10.25 5.44 -18.16
CA GLN B 79 -11.06 4.43 -18.83
C GLN B 79 -10.19 3.65 -19.82
N GLY B 80 -10.31 2.31 -19.77
CA GLY B 80 -9.51 1.44 -20.60
C GLY B 80 -8.11 1.20 -20.11
N LYS B 81 -7.67 1.91 -19.07
CA LYS B 81 -6.37 1.69 -18.46
C LYS B 81 -6.46 0.84 -17.20
N MET B 82 -7.65 0.67 -16.65
CA MET B 82 -7.89 -0.29 -15.58
C MET B 82 -9.34 -0.73 -15.72
N SER B 83 -9.67 -1.88 -15.12
CA SER B 83 -11.00 -2.44 -15.28
C SER B 83 -12.05 -1.60 -14.56
N PRO B 84 -13.32 -1.72 -14.96
CA PRO B 84 -14.38 -1.04 -14.20
C PRO B 84 -14.40 -1.44 -12.73
N GLU B 85 -14.10 -2.70 -12.41
CA GLU B 85 -14.05 -3.11 -11.01
C GLU B 85 -12.92 -2.40 -10.27
N MET B 86 -11.77 -2.25 -10.92
CA MET B 86 -10.66 -1.51 -10.31
C MET B 86 -10.99 -0.03 -10.15
N ILE B 87 -11.66 0.58 -11.13
CA ILE B 87 -12.05 1.99 -10.99
C ILE B 87 -12.95 2.18 -9.78
N GLU B 88 -13.88 1.24 -9.56
CA GLU B 88 -14.77 1.36 -8.40
C GLU B 88 -14.00 1.18 -7.10
N LYS B 89 -13.05 0.23 -7.05
CA LYS B 89 -12.14 0.14 -5.91
C LYS B 89 -11.37 1.44 -5.73
N MET B 90 -10.92 2.04 -6.83
CA MET B 90 -10.18 3.30 -6.74
C MET B 90 -11.05 4.42 -6.17
N ALA B 91 -12.33 4.47 -6.57
CA ALA B 91 -13.23 5.46 -5.98
C ALA B 91 -13.31 5.25 -4.47
N GLY B 92 -13.30 3.99 -4.01
CA GLY B 92 -13.28 3.73 -2.58
C GLY B 92 -12.01 4.23 -1.92
N VAL B 93 -10.86 4.10 -2.59
CA VAL B 93 -9.61 4.65 -2.06
C VAL B 93 -9.73 6.16 -1.90
N VAL B 94 -10.27 6.86 -2.91
CA VAL B 94 -10.44 8.31 -2.79
C VAL B 94 -11.27 8.65 -1.56
N ARG B 95 -12.39 7.95 -1.38
CA ARG B 95 -13.27 8.19 -0.22
C ARG B 95 -12.53 7.95 1.09
N ASN B 96 -11.71 6.91 1.13
CA ASN B 96 -11.16 6.44 2.41
C ASN B 96 -10.11 7.37 2.99
N PHE B 97 -9.61 8.34 2.23
CA PHE B 97 -8.67 9.31 2.81
C PHE B 97 -9.35 10.20 3.85
N ALA B 98 -10.68 10.29 3.83
CA ALA B 98 -11.41 11.10 4.79
C ALA B 98 -12.19 10.25 5.79
N VAL B 99 -12.00 8.94 5.76
CA VAL B 99 -12.69 8.04 6.68
C VAL B 99 -11.77 7.82 7.86
N LYS B 100 -12.12 8.41 8.99
CA LYS B 100 -11.25 8.42 10.15
C LYS B 100 -11.74 7.40 11.16
FE HEC C . 7.24 2.01 6.72
CHA HEC C . 9.07 4.75 7.50
CHB HEC C . 10.08 0.08 6.71
CHC HEC C . 5.39 -0.74 5.72
CHD HEC C . 4.29 3.88 6.71
NA HEC C . 9.20 2.33 7.06
C1A HEC C . 9.76 3.56 7.36
C2A HEC C . 11.20 3.39 7.50
C3A HEC C . 11.48 2.10 7.27
C4A HEC C . 10.23 1.41 7.00
CMA HEC C . 12.88 1.44 7.32
CAA HEC C . 12.20 4.52 7.83
CBA HEC C . 12.59 4.53 9.31
CGA HEC C . 13.62 5.61 9.57
O1A HEC C . 14.74 5.27 10.03
O2A HEC C . 13.33 6.81 9.32
NB HEC C . 7.65 0.04 6.31
C1B HEC C . 8.91 -0.54 6.34
C2B HEC C . 8.77 -1.92 5.92
C3B HEC C . 7.47 -2.15 5.65
C4B HEC C . 6.75 -0.91 5.89
CMB HEC C . 9.99 -2.88 5.81
CAB HEC C . 6.78 -3.44 5.14
CBB HEC C . 7.19 -4.70 5.96
NC HEC C . 5.21 1.64 6.31
C1C HEC C . 4.68 0.43 5.91
C2C HEC C . 3.23 0.58 5.86
C3C HEC C . 2.94 1.88 6.02
C4C HEC C . 4.17 2.55 6.37
CMC HEC C . 2.33 -0.53 5.29
CAC HEC C . 1.58 2.63 5.93
CBC HEC C . 0.39 1.92 6.60
ND HEC C . 6.74 3.98 7.08
C1D HEC C . 5.48 4.55 6.94
C2D HEC C . 5.60 5.99 7.08
C3D HEC C . 7.08 6.25 7.32
C4D HEC C . 7.72 4.95 7.31
CMD HEC C . 4.47 7.06 7.01
CAD HEC C . 7.77 7.60 7.54
CBD HEC C . 8.01 7.76 9.03
CGD HEC C . 8.42 9.19 9.22
O1D HEC C . 7.51 10.05 9.20
O2D HEC C . 9.65 9.46 9.38
K K D . -7.83 -3.84 9.22
FE HEC E . -6.55 13.32 -10.03
CHA HEC E . -8.92 15.82 -9.42
CHB HEC E . -8.69 11.02 -8.73
CHC HEC E . -4.30 10.84 -10.83
CHD HEC E . -4.20 15.67 -10.81
NA HEC E . -8.44 13.41 -9.22
C1A HEC E . -9.24 14.53 -9.04
C2A HEC E . -10.46 14.10 -8.39
C3A HEC E . -10.40 12.78 -8.21
C4A HEC E . -9.13 12.32 -8.73
CMA HEC E . -11.46 11.87 -7.56
CAA HEC E . -11.63 15.04 -8.00
CBA HEC E . -12.38 15.32 -9.30
CGA HEC E . -12.62 16.80 -9.34
O1A HEC E . -12.12 17.43 -10.31
O2A HEC E . -13.26 17.33 -8.40
NB HEC E . -6.50 11.31 -9.83
C1B HEC E . -7.53 10.55 -9.28
C2B HEC E . -7.19 9.15 -9.46
C3B HEC E . -5.96 9.09 -10.01
C4B HEC E . -5.51 10.45 -10.28
CMB HEC E . -8.10 8.01 -8.92
CAB HEC E . -5.14 7.84 -10.39
CBB HEC E . -5.95 6.76 -11.13
NC HEC E . -4.57 13.26 -10.68
C1C HEC E . -3.84 12.13 -10.99
C2C HEC E . -2.57 12.56 -11.59
C3C HEC E . -2.54 13.90 -11.55
C4C HEC E . -3.80 14.36 -11.00
CMC HEC E . -1.44 11.58 -12.06
CAC HEC E . -1.36 14.82 -11.97
CBC HEC E . -0.83 14.62 -13.40
ND HEC E . -6.56 15.39 -10.06
C1D HEC E . -5.47 16.13 -10.53
C2D HEC E . -5.86 17.52 -10.65
C3D HEC E . -7.30 17.56 -10.22
C4D HEC E . -7.67 16.21 -9.89
CMD HEC E . -5.00 18.72 -11.11
CAD HEC E . -8.20 18.81 -10.20
CBD HEC E . -8.98 18.67 -11.52
CGD HEC E . -10.01 19.76 -11.61
O1D HEC E . -9.85 20.64 -12.47
O2D HEC E . -10.98 19.78 -10.81
#